data_8AWR
#
_entry.id   8AWR
#
_cell.length_a   53.111
_cell.length_b   76.480
_cell.length_c   68.147
_cell.angle_alpha   90.000
_cell.angle_beta   101.957
_cell.angle_gamma   90.000
#
_symmetry.space_group_name_H-M   'P 1 21 1'
#
loop_
_entity.id
_entity.type
_entity.pdbx_description
1 polymer 'Lysosomal acid glucosylceramidase'
2 branched alpha-D-mannopyranose-(1-6)-beta-D-mannopyranose-(1-4)-2-acetamido-2-deoxy-beta-D-glucopyranose-(1-4)-2-acetamido-2-deoxy-beta-D-glucopyranose
3 non-polymer 'SULFATE ION'
4 non-polymer 1,2-ETHANEDIOL
5 non-polymer 2-acetamido-2-deoxy-beta-D-glucopyranose
6 non-polymer (1~{S},2~{R},3~{S},6~{S})-6-chloranylcyclohex-4-ene-1,2,3-triol
7 non-polymer (1~{S},2~{S},3~{S},4~{R})-cyclohexane-1,2,3,4-tetrol
8 non-polymer DI(HYDROXYETHYL)ETHER
9 non-polymer 'SODIUM ION'
10 water water
#
_entity_poly.entity_id   1
_entity_poly.type   'polypeptide(L)'
_entity_poly.pdbx_seq_one_letter_code
;ARPCIPKSFGYSSVVCVCNATYCDSFDPPTFPALGTFSRYESTRSGRRMELSMGPIQANHTGTGLLLTLQPEQKFQKVKG
FGGAMTDAAALNILALSPPAQNLLLKSYFSEEGIGYNIIRVPMASCDFSIRTYTYADTPDDFQLHNFSLPEEDTKLKIPL
IHRALQLAQRPVSLLASPWTSPTWLKTNGAVNGKGSLKGQPGDIYHQTWARYFVKFLDAYAEHKLQFWAVTAENEPSAGL
LSGYPFQCLGFTPEHQRDFIARDLGPTLANSTHHNVRLLMLDDQRLLLPHWAKVVLTDPEAAKYVHGIAVHWYLDFLAPA
KATLGETHRLFPNTMLFASEACVGSKFWEQSVRLGSWDRGMQYSHSIITNLLYHVVGWTDWNLALNPEGGPNWVRNFVDS
PIIVDITKDTFYKQPMFYHLGHFSKFIPEGSQRVGLVASQKNDLDAVALMHPDGSAVVVVLNRSSKDVPLTIKDPAVGFL
ETISPGYSIHTYLWRRQ
;
_entity_poly.pdbx_strand_id   AAA
#
# COMPACT_ATOMS: atom_id res chain seq x y z
N ALA A 1 -9.85 -15.37 16.59
CA ALA A 1 -9.65 -16.32 17.71
C ALA A 1 -9.56 -15.58 19.04
N ARG A 2 -8.93 -14.40 19.05
CA ARG A 2 -8.89 -13.59 20.25
C ARG A 2 -9.55 -12.24 19.98
N PRO A 3 -10.56 -11.83 20.79
CA PRO A 3 -11.28 -10.59 20.53
C PRO A 3 -10.47 -9.32 20.76
N CYS A 4 -10.88 -8.25 20.07
CA CYS A 4 -10.42 -6.89 20.32
C CYS A 4 -10.65 -6.52 21.79
N ILE A 5 -9.59 -5.99 22.43
CA ILE A 5 -9.73 -5.24 23.67
C ILE A 5 -9.90 -3.77 23.31
N PRO A 6 -11.13 -3.21 23.38
CA PRO A 6 -11.38 -1.86 22.87
C PRO A 6 -10.95 -0.78 23.85
N LYS A 7 -10.45 0.32 23.29
CA LYS A 7 -10.22 1.53 24.06
C LYS A 7 -10.63 2.73 23.21
N SER A 8 -11.38 3.64 23.83
CA SER A 8 -11.74 4.91 23.23
C SER A 8 -10.77 6.01 23.64
N PHE A 9 -10.35 6.82 22.66
CA PHE A 9 -9.59 8.04 22.90
C PHE A 9 -10.42 9.28 22.57
N GLY A 10 -11.75 9.11 22.52
CA GLY A 10 -12.65 10.23 22.35
C GLY A 10 -12.98 10.53 20.89
N TYR A 11 -12.50 9.68 19.97
CA TYR A 11 -12.87 9.81 18.57
C TYR A 11 -14.01 8.85 18.24
N SER A 12 -14.35 8.72 16.95
CA SER A 12 -15.61 8.10 16.57
C SER A 12 -15.65 6.60 16.85
N SER A 13 -14.50 5.93 16.95
CA SER A 13 -14.52 4.50 17.23
C SER A 13 -13.41 4.13 18.21
N VAL A 14 -13.17 2.82 18.38
CA VAL A 14 -12.20 2.32 19.35
C VAL A 14 -10.96 1.83 18.61
N VAL A 15 -9.83 1.80 19.32
CA VAL A 15 -8.66 1.05 18.88
C VAL A 15 -8.71 -0.29 19.59
N CYS A 16 -7.97 -1.28 19.07
CA CYS A 16 -7.78 -2.54 19.79
C CYS A 16 -6.40 -2.54 20.43
N VAL A 17 -6.37 -2.84 21.73
CA VAL A 17 -5.17 -2.73 22.55
C VAL A 17 -4.43 -4.05 22.60
N CYS A 18 -3.11 -3.99 22.29
CA CYS A 18 -2.23 -5.14 22.33
C CYS A 18 -1.00 -4.80 23.16
N ASN A 19 -0.39 -5.84 23.76
CA ASN A 19 0.80 -5.70 24.57
C ASN A 19 1.63 -6.98 24.48
N ALA A 20 2.49 -7.21 25.49
CA ALA A 20 3.40 -8.34 25.41
C ALA A 20 2.67 -9.67 25.58
N THR A 21 1.50 -9.65 26.24
CA THR A 21 0.82 -10.88 26.63
C THR A 21 -0.52 -11.06 25.92
N TYR A 22 -0.96 -10.09 25.12
CA TYR A 22 -2.25 -10.19 24.46
C TYR A 22 -2.29 -9.35 23.20
N CYS A 23 -2.92 -9.90 22.15
CA CYS A 23 -3.33 -9.14 20.99
C CYS A 23 -4.50 -9.88 20.35
N ASP A 24 -5.49 -9.12 19.86
CA ASP A 24 -6.61 -9.71 19.11
C ASP A 24 -6.06 -10.41 17.88
N SER A 25 -6.68 -11.54 17.52
CA SER A 25 -6.22 -12.29 16.37
C SER A 25 -7.41 -12.82 15.58
N PHE A 26 -7.15 -13.21 14.33
CA PHE A 26 -8.14 -13.83 13.49
C PHE A 26 -7.76 -15.28 13.26
N ASP A 27 -8.68 -16.02 12.65
CA ASP A 27 -8.35 -17.34 12.15
C ASP A 27 -7.84 -17.19 10.73
N PRO A 28 -7.02 -18.12 10.20
CA PRO A 28 -6.64 -18.07 8.79
C PRO A 28 -7.93 -18.06 7.97
N PRO A 29 -7.95 -17.35 6.83
CA PRO A 29 -9.12 -17.36 5.95
C PRO A 29 -9.39 -18.73 5.35
N THR A 30 -10.69 -19.01 5.17
CA THR A 30 -11.19 -20.19 4.48
C THR A 30 -12.53 -19.82 3.84
N PHE A 31 -12.86 -20.48 2.71
CA PHE A 31 -14.21 -20.43 2.16
C PHE A 31 -15.08 -21.45 2.89
N PRO A 32 -16.37 -21.13 3.14
CA PRO A 32 -17.29 -22.10 3.72
C PRO A 32 -17.82 -23.05 2.64
N ALA A 33 -18.60 -24.06 3.06
CA ALA A 33 -19.18 -25.05 2.16
C ALA A 33 -20.02 -24.39 1.08
N LEU A 34 -19.99 -24.98 -0.13
CA LEU A 34 -20.87 -24.57 -1.22
C LEU A 34 -22.33 -24.49 -0.73
N GLY A 35 -22.99 -23.38 -1.07
CA GLY A 35 -24.37 -23.11 -0.69
C GLY A 35 -24.46 -22.20 0.53
N THR A 36 -23.30 -21.89 1.13
CA THR A 36 -23.17 -21.03 2.30
C THR A 36 -22.20 -19.90 1.93
N PHE A 37 -22.40 -18.72 2.53
CA PHE A 37 -21.45 -17.62 2.40
C PHE A 37 -20.91 -17.24 3.77
N SER A 38 -19.70 -16.68 3.80
CA SER A 38 -19.16 -16.05 5.01
C SER A 38 -19.26 -14.53 4.88
N ARG A 39 -19.43 -13.88 6.04
CA ARG A 39 -19.48 -12.44 6.13
C ARG A 39 -18.54 -12.02 7.26
N TYR A 40 -17.59 -11.14 6.95
CA TYR A 40 -16.73 -10.53 7.96
C TYR A 40 -17.15 -9.06 8.09
N GLU A 41 -17.45 -8.65 9.33
CA GLU A 41 -18.06 -7.35 9.57
C GLU A 41 -17.23 -6.53 10.57
N SER A 42 -16.90 -5.30 10.18
CA SER A 42 -16.39 -4.30 11.10
C SER A 42 -17.33 -3.09 11.13
N THR A 43 -17.53 -2.53 12.32
CA THR A 43 -18.44 -1.39 12.48
C THR A 43 -17.81 -0.33 13.36
N ARG A 44 -18.27 0.91 13.18
CA ARG A 44 -17.93 2.03 14.05
C ARG A 44 -18.20 1.66 15.50
N SER A 45 -19.33 0.97 15.75
CA SER A 45 -19.77 0.59 17.08
C SER A 45 -18.81 -0.38 17.77
N GLY A 46 -17.92 -1.02 17.00
CA GLY A 46 -16.80 -1.71 17.61
C GLY A 46 -16.59 -3.16 17.16
N ARG A 47 -17.41 -3.65 16.21
CA ARG A 47 -17.20 -5.00 15.72
C ARG A 47 -15.93 -4.99 14.86
N ARG A 48 -15.11 -6.04 15.01
CA ARG A 48 -13.81 -6.09 14.36
C ARG A 48 -13.67 -7.40 13.59
N MET A 49 -13.94 -7.31 12.28
CA MET A 49 -13.92 -8.44 11.37
C MET A 49 -14.52 -9.68 12.01
N GLU A 50 -15.78 -9.54 12.44
CA GLU A 50 -16.54 -10.59 13.07
C GLU A 50 -17.13 -11.50 11.98
N LEU A 51 -16.95 -12.82 12.16
CA LEU A 51 -17.42 -13.79 11.18
C LEU A 51 -18.86 -14.21 11.49
N SER A 52 -19.72 -14.18 10.47
CA SER A 52 -21.01 -14.83 10.51
C SER A 52 -21.23 -15.57 9.19
N MET A 53 -22.15 -16.53 9.15
CA MET A 53 -22.41 -17.23 7.91
C MET A 53 -23.90 -17.21 7.56
N GLY A 54 -24.20 -17.36 6.26
CA GLY A 54 -25.57 -17.35 5.79
C GLY A 54 -25.79 -18.28 4.61
N PRO A 55 -27.06 -18.57 4.25
CA PRO A 55 -27.35 -19.45 3.12
C PRO A 55 -27.40 -18.67 1.81
N ILE A 56 -27.00 -19.35 0.74
CA ILE A 56 -27.28 -18.86 -0.59
C ILE A 56 -28.62 -19.44 -1.04
N GLN A 57 -29.53 -18.53 -1.44
CA GLN A 57 -30.89 -18.87 -1.83
C GLN A 57 -30.97 -19.02 -3.35
N ALA A 58 -31.84 -19.91 -3.83
CA ALA A 58 -32.00 -20.15 -5.26
C ALA A 58 -32.72 -18.98 -5.92
N ASN A 59 -33.62 -18.32 -5.18
CA ASN A 59 -34.50 -17.30 -5.74
C ASN A 59 -34.42 -16.02 -4.92
N HIS A 60 -34.88 -14.92 -5.54
CA HIS A 60 -35.01 -13.63 -4.88
C HIS A 60 -36.17 -12.86 -5.49
N THR A 61 -36.97 -12.21 -4.65
CA THR A 61 -38.00 -11.29 -5.09
C THR A 61 -37.94 -10.02 -4.25
N GLY A 62 -38.23 -8.86 -4.87
CA GLY A 62 -38.34 -7.62 -4.14
C GLY A 62 -37.79 -6.44 -4.93
N THR A 63 -37.87 -5.24 -4.35
CA THR A 63 -37.51 -4.00 -5.02
C THR A 63 -36.25 -3.37 -4.41
N GLY A 64 -35.63 -4.08 -3.45
CA GLY A 64 -34.46 -3.57 -2.77
C GLY A 64 -33.23 -3.62 -3.67
N LEU A 65 -32.13 -3.00 -3.21
CA LEU A 65 -30.88 -2.97 -3.95
C LEU A 65 -30.36 -4.38 -4.26
N LEU A 66 -30.04 -4.62 -5.53
CA LEU A 66 -29.43 -5.86 -6.00
C LEU A 66 -28.05 -5.52 -6.58
N LEU A 67 -27.00 -6.17 -6.06
CA LEU A 67 -25.67 -6.14 -6.66
C LEU A 67 -25.45 -7.46 -7.39
N THR A 68 -25.28 -7.42 -8.71
CA THR A 68 -25.15 -8.64 -9.48
C THR A 68 -23.69 -8.83 -9.89
N LEU A 69 -23.12 -9.98 -9.50
CA LEU A 69 -21.78 -10.37 -9.90
C LEU A 69 -21.76 -10.64 -11.41
N GLN A 70 -20.69 -10.19 -12.07
N GLN A 70 -20.68 -10.19 -12.07
CA GLN A 70 -20.48 -10.46 -13.49
CA GLN A 70 -20.41 -10.42 -13.48
C GLN A 70 -19.16 -11.23 -13.60
C GLN A 70 -19.12 -11.23 -13.58
N PRO A 71 -19.14 -12.53 -13.20
CA PRO A 71 -17.90 -13.27 -12.99
C PRO A 71 -17.04 -13.50 -14.23
N GLU A 72 -17.70 -13.48 -15.39
N GLU A 72 -17.65 -13.51 -15.42
CA GLU A 72 -17.09 -13.68 -16.70
CA GLU A 72 -16.85 -13.73 -16.62
C GLU A 72 -16.33 -12.43 -17.14
C GLU A 72 -16.33 -12.40 -17.19
N GLN A 73 -16.74 -11.27 -16.60
CA GLN A 73 -16.19 -9.97 -16.99
C GLN A 73 -14.94 -9.69 -16.16
N LYS A 74 -13.77 -9.81 -16.79
CA LYS A 74 -12.50 -9.83 -16.06
C LYS A 74 -11.76 -8.52 -16.23
N PHE A 75 -11.13 -8.05 -15.15
CA PHE A 75 -10.31 -6.85 -15.19
C PHE A 75 -8.87 -7.22 -14.80
N GLN A 76 -8.30 -6.47 -13.85
CA GLN A 76 -6.89 -6.60 -13.50
C GLN A 76 -6.69 -7.74 -12.51
N LYS A 77 -5.48 -8.31 -12.53
CA LYS A 77 -5.05 -9.24 -11.49
C LYS A 77 -4.35 -8.48 -10.39
N VAL A 78 -4.52 -8.96 -9.15
CA VAL A 78 -4.05 -8.26 -7.96
C VAL A 78 -2.63 -8.71 -7.62
N LYS A 79 -1.75 -7.73 -7.42
CA LYS A 79 -0.41 -7.99 -6.93
C LYS A 79 -0.42 -8.12 -5.40
N GLY A 80 -1.02 -7.14 -4.70
CA GLY A 80 -1.15 -7.32 -3.26
C GLY A 80 -1.32 -6.01 -2.47
N PHE A 81 -1.00 -6.11 -1.17
CA PHE A 81 -1.25 -5.06 -0.20
C PHE A 81 -0.16 -5.10 0.86
N GLY A 82 0.24 -3.93 1.34
CA GLY A 82 1.19 -3.93 2.44
C GLY A 82 1.46 -2.53 2.96
N GLY A 83 2.68 -2.31 3.46
CA GLY A 83 3.03 -1.03 4.05
C GLY A 83 4.55 -0.82 4.02
N ALA A 84 5.02 0.26 4.66
CA ALA A 84 6.40 0.69 4.49
C ALA A 84 7.24 0.47 5.74
N MET A 85 8.40 -0.17 5.55
CA MET A 85 9.36 -0.33 6.63
C MET A 85 10.34 0.84 6.61
N THR A 86 9.85 2.00 7.08
CA THR A 86 10.67 3.19 7.22
C THR A 86 11.58 3.05 8.45
N ASP A 87 12.56 3.94 8.57
CA ASP A 87 13.34 4.01 9.81
C ASP A 87 12.41 4.22 11.00
N ALA A 88 11.45 5.14 10.86
CA ALA A 88 10.50 5.44 11.93
C ALA A 88 9.73 4.19 12.35
N ALA A 89 9.23 3.41 11.37
CA ALA A 89 8.44 2.22 11.68
C ALA A 89 9.32 1.21 12.42
N ALA A 90 10.54 1.03 11.91
CA ALA A 90 11.47 0.09 12.49
C ALA A 90 11.79 0.47 13.93
N LEU A 91 12.02 1.78 14.18
CA LEU A 91 12.38 2.23 15.52
C LEU A 91 11.21 1.98 16.48
N ASN A 92 9.99 2.25 16.01
CA ASN A 92 8.81 2.13 16.85
C ASN A 92 8.59 0.65 17.19
N ILE A 93 8.71 -0.22 16.19
CA ILE A 93 8.53 -1.65 16.44
C ILE A 93 9.55 -2.15 17.45
N LEU A 94 10.82 -1.78 17.26
CA LEU A 94 11.89 -2.36 18.07
C LEU A 94 11.95 -1.76 19.46
N ALA A 95 11.17 -0.70 19.69
CA ALA A 95 11.06 -0.07 21.00
C ALA A 95 10.11 -0.86 21.91
N LEU A 96 9.32 -1.75 21.31
CA LEU A 96 8.47 -2.68 22.05
C LEU A 96 9.32 -3.85 22.56
N SER A 97 8.86 -4.50 23.64
CA SER A 97 9.46 -5.75 24.08
C SER A 97 9.40 -6.78 22.96
N PRO A 98 10.35 -7.75 22.90
CA PRO A 98 10.33 -8.79 21.86
C PRO A 98 8.98 -9.49 21.70
N PRO A 99 8.29 -9.91 22.79
CA PRO A 99 6.98 -10.53 22.64
C PRO A 99 5.96 -9.62 21.97
N ALA A 100 5.95 -8.33 22.37
CA ALA A 100 5.06 -7.34 21.77
C ALA A 100 5.40 -7.12 20.30
N GLN A 101 6.72 -7.08 19.98
CA GLN A 101 7.17 -6.94 18.59
C GLN A 101 6.56 -8.07 17.76
N ASN A 102 6.61 -9.27 18.30
CA ASN A 102 6.16 -10.44 17.56
C ASN A 102 4.66 -10.36 17.29
N LEU A 103 3.90 -9.88 18.28
CA LEU A 103 2.47 -9.72 18.10
C LEU A 103 2.14 -8.66 17.06
N LEU A 104 2.96 -7.59 16.99
CA LEU A 104 2.73 -6.55 16.01
C LEU A 104 3.00 -7.10 14.60
N LEU A 105 4.16 -7.73 14.43
CA LEU A 105 4.54 -8.32 13.15
C LEU A 105 3.51 -9.36 12.71
N LYS A 106 3.02 -10.20 13.64
CA LYS A 106 2.00 -11.19 13.31
C LYS A 106 0.69 -10.55 12.88
N SER A 107 0.32 -9.43 13.51
CA SER A 107 -0.86 -8.65 13.16
C SER A 107 -0.87 -8.35 11.66
N TYR A 108 0.30 -7.96 11.14
CA TYR A 108 0.39 -7.60 9.72
C TYR A 108 0.65 -8.79 8.81
N PHE A 109 1.53 -9.73 9.23
CA PHE A 109 2.19 -10.60 8.28
C PHE A 109 1.77 -12.07 8.40
N SER A 110 1.10 -12.43 9.49
N SER A 110 1.09 -12.40 9.50
CA SER A 110 0.70 -13.81 9.65
CA SER A 110 0.63 -13.76 9.74
C SER A 110 -0.74 -13.97 9.15
C SER A 110 -0.77 -13.97 9.15
N GLU A 111 -1.16 -15.23 8.98
CA GLU A 111 -2.52 -15.55 8.56
C GLU A 111 -3.47 -15.43 9.75
N GLU A 112 -2.93 -15.31 10.97
CA GLU A 112 -3.73 -14.91 12.12
C GLU A 112 -3.88 -13.38 12.18
N GLY A 113 -3.17 -12.69 11.29
CA GLY A 113 -3.33 -11.24 11.14
C GLY A 113 -3.96 -10.94 9.79
N ILE A 114 -3.42 -9.95 9.08
CA ILE A 114 -4.11 -9.50 7.87
C ILE A 114 -3.36 -9.86 6.58
N GLY A 115 -2.31 -10.71 6.67
CA GLY A 115 -1.73 -11.34 5.49
C GLY A 115 -1.12 -10.37 4.46
N TYR A 116 -0.42 -9.32 4.94
CA TYR A 116 0.32 -8.44 4.06
C TYR A 116 1.28 -9.23 3.17
N ASN A 117 1.46 -8.79 1.91
CA ASN A 117 2.43 -9.47 1.04
C ASN A 117 3.34 -8.46 0.33
N ILE A 118 3.30 -7.19 0.74
CA ILE A 118 4.17 -6.16 0.15
C ILE A 118 4.84 -5.39 1.28
N ILE A 119 6.15 -5.14 1.15
CA ILE A 119 6.85 -4.20 2.02
C ILE A 119 7.59 -3.19 1.16
N ARG A 120 7.27 -1.91 1.36
CA ARG A 120 8.03 -0.83 0.72
C ARG A 120 9.21 -0.44 1.60
N VAL A 121 10.38 -0.31 0.96
CA VAL A 121 11.64 -0.10 1.67
C VAL A 121 12.29 1.17 1.12
N PRO A 122 12.42 2.25 1.91
CA PRO A 122 13.14 3.43 1.42
C PRO A 122 14.62 3.09 1.20
N MET A 123 15.17 3.65 0.11
CA MET A 123 16.60 3.58 -0.17
C MET A 123 17.26 4.76 0.55
N ALA A 124 17.79 4.47 1.75
CA ALA A 124 18.37 5.42 2.69
C ALA A 124 17.30 6.32 3.32
N SER A 125 17.67 7.55 3.68
CA SER A 125 16.84 8.35 4.58
C SER A 125 15.65 9.00 3.86
N CYS A 126 14.56 9.17 4.62
CA CYS A 126 13.46 10.03 4.20
C CYS A 126 13.03 10.91 5.38
N ASP A 127 11.84 11.54 5.30
CA ASP A 127 11.37 12.36 6.41
C ASP A 127 11.16 11.50 7.66
N PHE A 128 10.71 10.25 7.45
CA PHE A 128 10.50 9.26 8.50
C PHE A 128 11.79 8.53 8.85
N SER A 129 12.83 9.34 9.07
CA SER A 129 14.15 9.00 9.60
C SER A 129 14.50 10.03 10.68
N ILE A 130 15.44 9.68 11.56
CA ILE A 130 15.85 10.61 12.61
C ILE A 130 17.20 11.21 12.26
N ARG A 131 17.75 10.76 11.12
CA ARG A 131 19.08 11.11 10.64
C ARG A 131 18.96 11.29 9.12
N THR A 132 19.62 12.32 8.57
CA THR A 132 19.74 12.46 7.12
C THR A 132 21.02 11.78 6.69
N TYR A 133 20.91 10.88 5.71
CA TYR A 133 22.03 10.13 5.18
C TYR A 133 21.63 9.56 3.82
N THR A 134 22.64 9.24 3.00
CA THR A 134 22.47 8.36 1.86
C THR A 134 23.43 7.19 2.03
N TYR A 135 23.49 6.33 1.01
CA TYR A 135 24.38 5.19 1.07
C TYR A 135 25.78 5.56 0.58
N ALA A 136 25.95 6.79 0.05
CA ALA A 136 27.23 7.19 -0.53
C ALA A 136 27.50 8.67 -0.25
N ASP A 137 27.75 8.99 1.02
CA ASP A 137 27.88 10.37 1.45
C ASP A 137 29.32 10.88 1.32
N THR A 138 30.28 9.98 1.09
CA THR A 138 31.65 10.44 0.86
C THR A 138 31.68 11.28 -0.41
N PRO A 139 32.10 12.57 -0.34
CA PRO A 139 31.96 13.49 -1.48
C PRO A 139 32.71 13.01 -2.71
N ASP A 140 32.05 13.16 -3.87
CA ASP A 140 32.61 12.93 -5.20
C ASP A 140 33.07 11.50 -5.40
N ASP A 141 32.41 10.56 -4.72
CA ASP A 141 32.71 9.13 -4.84
C ASP A 141 31.97 8.54 -6.05
N PHE A 142 32.32 8.99 -7.25
CA PHE A 142 31.64 8.55 -8.46
C PHE A 142 31.81 7.05 -8.69
N GLN A 143 32.90 6.48 -8.18
CA GLN A 143 33.17 5.05 -8.32
C GLN A 143 32.27 4.25 -7.37
N LEU A 144 31.69 4.93 -6.37
CA LEU A 144 30.85 4.33 -5.33
C LEU A 144 31.67 3.31 -4.52
N HIS A 145 32.94 3.65 -4.30
CA HIS A 145 33.80 2.79 -3.48
C HIS A 145 33.37 2.81 -2.02
N ASN A 146 32.71 3.91 -1.60
CA ASN A 146 32.35 4.10 -0.21
C ASN A 146 30.84 3.91 -0.02
N PHE A 147 30.18 3.29 -1.01
CA PHE A 147 28.78 2.92 -0.85
C PHE A 147 28.67 1.86 0.25
N SER A 148 27.74 2.06 1.20
CA SER A 148 27.51 1.04 2.21
C SER A 148 26.17 1.25 2.93
N LEU A 149 25.62 0.15 3.44
CA LEU A 149 24.42 0.20 4.25
C LEU A 149 24.78 0.55 5.68
N PRO A 150 24.18 1.59 6.29
CA PRO A 150 24.38 1.89 7.71
C PRO A 150 23.51 1.00 8.59
N GLU A 151 23.55 1.23 9.91
CA GLU A 151 22.85 0.38 10.86
C GLU A 151 21.33 0.49 10.70
N GLU A 152 20.84 1.61 10.17
CA GLU A 152 19.40 1.75 9.91
C GLU A 152 18.91 0.56 9.08
N ASP A 153 19.73 0.12 8.13
CA ASP A 153 19.42 -1.05 7.32
C ASP A 153 19.85 -2.34 8.01
N THR A 154 21.11 -2.43 8.43
CA THR A 154 21.68 -3.70 8.86
C THR A 154 21.17 -4.16 10.24
N LYS A 155 20.83 -3.21 11.11
N LYS A 155 20.82 -3.20 11.11
CA LYS A 155 20.42 -3.54 12.47
CA LYS A 155 20.43 -3.53 12.47
C LYS A 155 18.91 -3.42 12.64
C LYS A 155 18.92 -3.38 12.69
N LEU A 156 18.28 -2.50 11.91
CA LEU A 156 16.87 -2.19 12.11
C LEU A 156 16.00 -2.83 11.02
N LYS A 157 16.08 -2.28 9.80
CA LYS A 157 15.13 -2.63 8.75
C LYS A 157 15.30 -4.07 8.28
N ILE A 158 16.53 -4.48 7.96
CA ILE A 158 16.77 -5.80 7.37
C ILE A 158 16.33 -6.92 8.31
N PRO A 159 16.74 -6.95 9.62
CA PRO A 159 16.27 -7.99 10.52
C PRO A 159 14.75 -8.05 10.70
N LEU A 160 14.09 -6.88 10.70
CA LEU A 160 12.64 -6.85 10.80
C LEU A 160 12.01 -7.45 9.55
N ILE A 161 12.57 -7.14 8.37
CA ILE A 161 12.03 -7.68 7.14
C ILE A 161 12.15 -9.21 7.16
N HIS A 162 13.31 -9.73 7.56
CA HIS A 162 13.50 -11.16 7.67
C HIS A 162 12.46 -11.78 8.61
N ARG A 163 12.17 -11.11 9.73
CA ARG A 163 11.20 -11.64 10.68
C ARG A 163 9.80 -11.64 10.06
N ALA A 164 9.48 -10.60 9.29
CA ALA A 164 8.18 -10.53 8.62
C ALA A 164 8.05 -11.67 7.62
N LEU A 165 9.13 -11.95 6.89
CA LEU A 165 9.12 -13.02 5.91
C LEU A 165 8.93 -14.38 6.57
N GLN A 166 9.52 -14.58 7.76
CA GLN A 166 9.38 -15.84 8.48
C GLN A 166 7.90 -16.08 8.84
N LEU A 167 7.20 -15.00 9.19
CA LEU A 167 5.82 -15.10 9.65
C LEU A 167 4.86 -15.28 8.48
N ALA A 168 5.16 -14.64 7.34
CA ALA A 168 4.29 -14.67 6.17
C ALA A 168 4.27 -16.07 5.54
N GLN A 169 3.05 -16.54 5.21
CA GLN A 169 2.85 -17.79 4.50
C GLN A 169 2.78 -17.51 3.00
N ARG A 170 2.35 -16.29 2.63
CA ARG A 170 2.28 -15.88 1.24
C ARG A 170 3.65 -15.37 0.85
N PRO A 171 4.07 -15.49 -0.44
CA PRO A 171 5.30 -14.85 -0.90
C PRO A 171 5.20 -13.32 -0.75
N VAL A 172 6.24 -12.71 -0.19
CA VAL A 172 6.23 -11.28 0.05
C VAL A 172 7.07 -10.59 -1.02
N SER A 173 6.55 -9.48 -1.56
CA SER A 173 7.25 -8.68 -2.55
C SER A 173 7.77 -7.38 -1.91
N LEU A 174 9.08 -7.15 -2.02
CA LEU A 174 9.71 -5.92 -1.57
C LEU A 174 9.75 -4.89 -2.70
N LEU A 175 9.47 -3.62 -2.37
CA LEU A 175 9.49 -2.51 -3.31
C LEU A 175 10.42 -1.43 -2.75
N ALA A 176 11.44 -1.04 -3.53
CA ALA A 176 12.40 -0.03 -3.09
C ALA A 176 12.13 1.30 -3.78
N SER A 177 12.31 2.39 -3.03
CA SER A 177 12.15 3.74 -3.57
C SER A 177 13.18 4.65 -2.94
N PRO A 178 13.93 5.47 -3.72
CA PRO A 178 14.78 6.51 -3.15
C PRO A 178 14.09 7.87 -3.01
N TRP A 179 14.44 8.61 -1.95
CA TRP A 179 13.97 9.99 -1.79
C TRP A 179 15.03 10.95 -2.36
N THR A 180 16.27 10.86 -1.89
CA THR A 180 17.32 11.72 -2.43
C THR A 180 18.54 10.89 -2.82
N SER A 181 19.32 11.44 -3.77
CA SER A 181 20.67 11.00 -4.10
C SER A 181 21.66 11.62 -3.12
N PRO A 182 22.92 11.12 -3.07
CA PRO A 182 24.02 11.90 -2.49
C PRO A 182 23.99 13.35 -2.98
N THR A 183 24.34 14.28 -2.08
CA THR A 183 24.21 15.70 -2.38
C THR A 183 25.21 16.15 -3.44
N TRP A 184 26.32 15.42 -3.60
CA TRP A 184 27.34 15.76 -4.58
C TRP A 184 26.92 15.35 -5.99
N LEU A 185 25.75 14.70 -6.11
CA LEU A 185 25.19 14.43 -7.44
C LEU A 185 24.13 15.47 -7.81
N LYS A 186 23.84 16.41 -6.90
CA LYS A 186 22.66 17.26 -7.04
C LYS A 186 23.03 18.71 -7.33
N THR A 187 22.17 19.38 -8.10
CA THR A 187 22.36 20.77 -8.51
C THR A 187 22.44 21.70 -7.30
N ASN A 188 21.74 21.35 -6.21
CA ASN A 188 21.61 22.25 -5.06
C ASN A 188 22.50 21.82 -3.89
N GLY A 189 23.14 20.65 -4.02
CA GLY A 189 24.03 20.10 -3.00
C GLY A 189 23.40 20.00 -1.61
N ALA A 190 22.10 19.66 -1.56
CA ALA A 190 21.39 19.46 -0.31
C ALA A 190 20.36 18.36 -0.49
N VAL A 191 19.98 17.70 0.61
CA VAL A 191 19.08 16.54 0.54
C VAL A 191 17.66 17.00 0.19
N ASN A 192 17.31 18.24 0.59
CA ASN A 192 15.98 18.79 0.42
C ASN A 192 16.08 19.99 -0.53
N GLY A 193 15.00 20.78 -0.60
CA GLY A 193 14.97 21.98 -1.44
C GLY A 193 14.80 21.64 -2.91
N LYS A 194 14.74 22.69 -3.75
CA LYS A 194 14.63 22.51 -5.19
C LYS A 194 15.99 22.08 -5.75
N GLY A 195 16.02 20.89 -6.34
CA GLY A 195 17.25 20.33 -6.87
C GLY A 195 17.04 18.99 -7.57
N SER A 196 17.78 18.82 -8.67
CA SER A 196 17.75 17.62 -9.48
C SER A 196 19.18 17.10 -9.54
N LEU A 197 19.37 15.94 -10.19
CA LEU A 197 20.70 15.52 -10.57
C LEU A 197 21.34 16.60 -11.43
N LYS A 198 22.68 16.73 -11.30
CA LYS A 198 23.46 17.64 -12.13
C LYS A 198 23.46 17.10 -13.56
N GLY A 199 23.67 17.99 -14.52
CA GLY A 199 23.82 17.62 -15.92
C GLY A 199 22.53 17.10 -16.55
N GLN A 200 22.65 16.00 -17.30
CA GLN A 200 21.55 15.48 -18.10
C GLN A 200 21.65 13.96 -18.21
N PRO A 201 20.50 13.24 -18.34
CA PRO A 201 20.53 11.80 -18.58
C PRO A 201 21.56 11.37 -19.61
N GLY A 202 22.25 10.28 -19.28
CA GLY A 202 23.28 9.70 -20.13
C GLY A 202 24.69 10.12 -19.72
N ASP A 203 24.81 11.00 -18.71
CA ASP A 203 26.11 11.54 -18.33
C ASP A 203 26.61 10.87 -17.06
N ILE A 204 27.78 11.31 -16.57
CA ILE A 204 28.41 10.67 -15.42
C ILE A 204 27.51 10.74 -14.18
N TYR A 205 26.82 11.88 -13.94
CA TYR A 205 26.02 11.99 -12.73
C TYR A 205 24.90 10.95 -12.76
N HIS A 206 24.28 10.81 -13.94
CA HIS A 206 23.12 9.96 -14.14
C HIS A 206 23.53 8.49 -14.14
N GLN A 207 24.73 8.19 -14.68
CA GLN A 207 25.22 6.83 -14.71
C GLN A 207 25.57 6.39 -13.29
N THR A 208 26.16 7.31 -12.52
CA THR A 208 26.51 7.01 -11.13
C THR A 208 25.23 6.71 -10.34
N TRP A 209 24.23 7.58 -10.49
CA TRP A 209 22.95 7.41 -9.81
C TRP A 209 22.31 6.06 -10.17
N ALA A 210 22.33 5.67 -11.46
CA ALA A 210 21.77 4.39 -11.84
C ALA A 210 22.56 3.24 -11.19
N ARG A 211 23.89 3.39 -11.14
CA ARG A 211 24.72 2.35 -10.53
C ARG A 211 24.43 2.23 -9.03
N TYR A 212 24.03 3.33 -8.39
CA TYR A 212 23.67 3.33 -6.98
C TYR A 212 22.49 2.37 -6.74
N PHE A 213 21.53 2.31 -7.68
CA PHE A 213 20.42 1.36 -7.57
C PHE A 213 20.96 -0.07 -7.53
N VAL A 214 21.94 -0.39 -8.39
CA VAL A 214 22.48 -1.73 -8.44
C VAL A 214 23.24 -2.03 -7.15
N LYS A 215 24.02 -1.07 -6.65
CA LYS A 215 24.76 -1.24 -5.41
C LYS A 215 23.81 -1.54 -4.24
N PHE A 216 22.67 -0.83 -4.22
CA PHE A 216 21.66 -1.03 -3.21
C PHE A 216 21.12 -2.46 -3.28
N LEU A 217 20.77 -2.91 -4.49
CA LEU A 217 20.21 -4.24 -4.64
C LEU A 217 21.25 -5.32 -4.33
N ASP A 218 22.52 -5.07 -4.70
CA ASP A 218 23.62 -5.96 -4.37
C ASP A 218 23.73 -6.11 -2.86
N ALA A 219 23.69 -4.98 -2.14
CA ALA A 219 23.87 -4.96 -0.68
C ALA A 219 22.74 -5.72 0.02
N TYR A 220 21.49 -5.48 -0.41
CA TYR A 220 20.38 -6.21 0.18
C TYR A 220 20.46 -7.69 -0.17
N ALA A 221 20.92 -8.02 -1.39
CA ALA A 221 21.12 -9.41 -1.81
C ALA A 221 22.15 -10.11 -0.93
N GLU A 222 23.19 -9.38 -0.49
CA GLU A 222 24.17 -9.95 0.42
C GLU A 222 23.51 -10.32 1.75
N HIS A 223 22.42 -9.61 2.08
CA HIS A 223 21.66 -9.85 3.30
C HIS A 223 20.48 -10.79 3.06
N LYS A 224 20.47 -11.47 1.90
CA LYS A 224 19.50 -12.52 1.57
C LYS A 224 18.10 -11.93 1.37
N LEU A 225 18.03 -10.71 0.82
CA LEU A 225 16.77 -10.09 0.43
C LEU A 225 16.83 -9.74 -1.06
N GLN A 226 15.77 -10.13 -1.78
CA GLN A 226 15.57 -9.84 -3.19
C GLN A 226 14.36 -8.93 -3.34
N PHE A 227 14.38 -8.09 -4.39
CA PHE A 227 13.31 -7.14 -4.61
C PHE A 227 12.43 -7.58 -5.77
N TRP A 228 11.12 -7.35 -5.61
CA TRP A 228 10.16 -7.46 -6.70
C TRP A 228 10.29 -6.27 -7.65
N ALA A 229 10.38 -5.06 -7.09
CA ALA A 229 10.35 -3.86 -7.91
C ALA A 229 11.12 -2.73 -7.23
N VAL A 230 11.52 -1.75 -8.04
CA VAL A 230 11.98 -0.46 -7.55
C VAL A 230 11.18 0.64 -8.25
N THR A 231 11.05 1.80 -7.62
CA THR A 231 10.55 2.95 -8.37
C THR A 231 11.73 3.82 -8.80
N ALA A 232 11.45 4.67 -9.79
CA ALA A 232 12.46 5.51 -10.43
C ALA A 232 12.86 6.69 -9.54
N GLU A 233 12.05 6.99 -8.51
CA GLU A 233 12.23 8.08 -7.57
C GLU A 233 10.92 8.28 -6.81
N ASN A 234 10.99 8.49 -5.49
CA ASN A 234 9.79 8.85 -4.75
C ASN A 234 9.40 10.30 -5.08
N GLU A 235 8.15 10.51 -5.53
CA GLU A 235 7.58 11.84 -5.75
C GLU A 235 8.57 12.76 -6.48
N PRO A 236 8.97 12.44 -7.73
CA PRO A 236 9.92 13.25 -8.48
C PRO A 236 9.45 14.69 -8.64
N SER A 237 8.14 14.93 -8.54
CA SER A 237 7.64 16.28 -8.70
C SER A 237 8.04 17.15 -7.50
N ALA A 238 8.29 16.52 -6.34
CA ALA A 238 8.64 17.25 -5.12
C ALA A 238 9.89 18.09 -5.33
N GLY A 239 10.92 17.50 -5.96
CA GLY A 239 12.21 18.16 -6.08
C GLY A 239 12.18 19.34 -7.06
N LEU A 240 10.99 19.64 -7.62
CA LEU A 240 10.84 20.75 -8.55
C LEU A 240 10.35 21.99 -7.80
N LEU A 241 10.05 21.83 -6.51
CA LEU A 241 9.38 22.85 -5.71
C LEU A 241 10.41 23.59 -4.86
N SER A 242 10.42 24.92 -5.03
CA SER A 242 11.20 25.81 -4.20
C SER A 242 10.92 25.50 -2.73
N GLY A 243 11.98 25.20 -1.98
CA GLY A 243 11.90 25.13 -0.54
C GLY A 243 11.31 23.81 -0.04
N TYR A 244 11.30 22.77 -0.89
CA TYR A 244 10.75 21.49 -0.46
C TYR A 244 11.42 21.04 0.84
N PRO A 245 10.65 20.74 1.92
CA PRO A 245 11.22 20.61 3.26
C PRO A 245 12.08 19.38 3.60
N PHE A 246 11.92 18.27 2.86
CA PHE A 246 12.66 17.06 3.18
C PHE A 246 13.24 16.43 1.92
N GLN A 247 13.85 15.24 2.07
CA GLN A 247 14.62 14.56 1.03
C GLN A 247 13.80 14.41 -0.24
N CYS A 248 14.38 14.83 -1.37
CA CYS A 248 13.74 14.81 -2.68
C CYS A 248 14.79 14.86 -3.78
N LEU A 249 14.36 14.62 -5.03
CA LEU A 249 15.22 14.67 -6.19
C LEU A 249 14.29 14.92 -7.37
N GLY A 250 14.37 16.15 -7.92
CA GLY A 250 13.41 16.61 -8.91
C GLY A 250 13.64 15.99 -10.29
N PHE A 251 12.55 15.50 -10.90
CA PHE A 251 12.51 15.16 -12.32
C PHE A 251 11.21 15.70 -12.90
N THR A 252 11.30 16.45 -14.02
CA THR A 252 10.18 16.62 -14.93
C THR A 252 9.88 15.26 -15.57
N PRO A 253 8.71 15.04 -16.22
CA PRO A 253 8.47 13.75 -16.86
C PRO A 253 9.46 13.46 -17.99
N GLU A 254 9.91 14.50 -18.69
CA GLU A 254 10.91 14.38 -19.74
C GLU A 254 12.23 13.87 -19.15
N HIS A 255 12.60 14.42 -17.99
CA HIS A 255 13.83 14.03 -17.32
C HIS A 255 13.74 12.56 -16.90
N GLN A 256 12.57 12.18 -16.37
CA GLN A 256 12.39 10.79 -15.96
C GLN A 256 12.47 9.85 -17.16
N ARG A 257 11.78 10.22 -18.25
CA ARG A 257 11.79 9.46 -19.50
C ARG A 257 13.23 9.17 -19.92
N ASP A 258 14.03 10.24 -19.96
CA ASP A 258 15.40 10.14 -20.47
C ASP A 258 16.30 9.37 -19.50
N PHE A 259 16.12 9.60 -18.20
CA PHE A 259 16.86 8.85 -17.20
C PHE A 259 16.58 7.35 -17.32
N ILE A 260 15.30 7.00 -17.49
CA ILE A 260 14.96 5.58 -17.57
C ILE A 260 15.58 4.97 -18.82
N ALA A 261 15.44 5.67 -19.95
CA ALA A 261 15.87 5.17 -21.24
C ALA A 261 17.39 5.00 -21.27
N ARG A 262 18.12 5.97 -20.72
CA ARG A 262 19.56 6.06 -20.94
C ARG A 262 20.35 5.40 -19.82
N ASP A 263 19.85 5.51 -18.59
CA ASP A 263 20.67 5.19 -17.42
C ASP A 263 20.06 4.03 -16.65
N LEU A 264 18.87 4.25 -16.05
CA LEU A 264 18.36 3.30 -15.08
C LEU A 264 17.94 1.98 -15.73
N GLY A 265 17.22 2.07 -16.85
CA GLY A 265 16.77 0.89 -17.57
C GLY A 265 17.95 0.01 -18.01
N PRO A 266 18.87 0.55 -18.86
CA PRO A 266 20.01 -0.24 -19.31
C PRO A 266 20.88 -0.76 -18.16
N THR A 267 21.08 0.04 -17.12
CA THR A 267 21.90 -0.37 -15.99
C THR A 267 21.29 -1.59 -15.27
N LEU A 268 19.99 -1.54 -14.99
CA LEU A 268 19.36 -2.65 -14.29
C LEU A 268 19.34 -3.88 -15.20
N ALA A 269 19.08 -3.65 -16.49
CA ALA A 269 18.89 -4.72 -17.47
C ALA A 269 20.19 -5.51 -17.64
N ASN A 270 21.33 -4.82 -17.47
CA ASN A 270 22.66 -5.38 -17.66
C ASN A 270 23.27 -5.84 -16.34
N SER A 271 22.41 -6.14 -15.35
CA SER A 271 22.84 -6.52 -14.03
C SER A 271 22.22 -7.86 -13.65
N THR A 272 22.67 -8.43 -12.52
CA THR A 272 22.08 -9.64 -11.97
C THR A 272 20.63 -9.38 -11.55
N HIS A 273 20.25 -8.09 -11.46
CA HIS A 273 18.94 -7.68 -10.98
C HIS A 273 17.99 -7.42 -12.14
N HIS A 274 18.29 -7.98 -13.31
CA HIS A 274 17.51 -7.72 -14.52
C HIS A 274 16.02 -8.09 -14.38
N ASN A 275 15.67 -8.97 -13.43
CA ASN A 275 14.28 -9.41 -13.29
C ASN A 275 13.48 -8.48 -12.39
N VAL A 276 14.16 -7.58 -11.68
CA VAL A 276 13.47 -6.60 -10.83
C VAL A 276 12.67 -5.66 -11.73
N ARG A 277 11.40 -5.43 -11.37
CA ARG A 277 10.53 -4.56 -12.14
C ARG A 277 10.84 -3.09 -11.86
N LEU A 278 10.63 -2.25 -12.88
CA LEU A 278 10.78 -0.81 -12.70
C LEU A 278 9.41 -0.15 -12.82
N LEU A 279 9.03 0.62 -11.79
CA LEU A 279 7.81 1.41 -11.79
C LEU A 279 8.18 2.89 -11.94
N MET A 280 7.46 3.58 -12.82
CA MET A 280 7.62 5.01 -13.03
C MET A 280 6.62 5.80 -12.17
N LEU A 281 6.79 7.11 -12.16
CA LEU A 281 5.95 8.12 -11.52
C LEU A 281 6.14 8.13 -10.00
N ASP A 282 5.50 7.20 -9.27
CA ASP A 282 5.59 7.10 -7.81
C ASP A 282 5.24 8.46 -7.21
N ASP A 283 4.10 9.01 -7.66
CA ASP A 283 3.70 10.38 -7.40
C ASP A 283 2.18 10.48 -7.53
N GLN A 284 1.63 11.69 -7.39
CA GLN A 284 0.18 11.84 -7.26
C GLN A 284 -0.48 11.54 -8.61
N ARG A 285 -1.70 11.01 -8.60
CA ARG A 285 -2.33 10.61 -9.85
C ARG A 285 -2.77 11.82 -10.67
N LEU A 286 -2.76 13.02 -10.07
CA LEU A 286 -3.05 14.25 -10.82
C LEU A 286 -2.11 14.38 -12.02
N LEU A 287 -0.94 13.73 -11.95
CA LEU A 287 0.08 13.83 -12.98
C LEU A 287 -0.19 12.89 -14.16
N LEU A 288 -1.27 12.11 -14.08
CA LEU A 288 -1.70 11.21 -15.16
C LEU A 288 -2.91 11.80 -15.87
N PRO A 289 -3.12 11.52 -17.19
CA PRO A 289 -2.21 10.67 -17.97
C PRO A 289 -0.90 11.28 -18.48
N HIS A 290 -0.70 12.59 -18.25
CA HIS A 290 0.42 13.34 -18.84
C HIS A 290 1.75 12.60 -18.70
N TRP A 291 2.12 12.22 -17.47
CA TRP A 291 3.43 11.60 -17.22
C TRP A 291 3.57 10.28 -17.97
N ALA A 292 2.51 9.45 -17.98
CA ALA A 292 2.53 8.17 -18.68
C ALA A 292 2.72 8.42 -20.18
N LYS A 293 2.06 9.44 -20.72
CA LYS A 293 2.18 9.76 -22.13
C LYS A 293 3.63 10.13 -22.45
N VAL A 294 4.25 10.97 -21.62
CA VAL A 294 5.59 11.44 -21.92
C VAL A 294 6.59 10.27 -21.89
N VAL A 295 6.51 9.45 -20.85
CA VAL A 295 7.50 8.38 -20.70
C VAL A 295 7.23 7.24 -21.69
N LEU A 296 5.96 6.79 -21.80
CA LEU A 296 5.68 5.51 -22.44
C LEU A 296 5.51 5.65 -23.95
N THR A 297 5.44 6.88 -24.48
CA THR A 297 5.37 7.06 -25.93
C THR A 297 6.76 7.01 -26.54
N ASP A 298 7.80 6.99 -25.70
CA ASP A 298 9.16 6.81 -26.14
C ASP A 298 9.53 5.34 -26.01
N PRO A 299 9.67 4.59 -27.12
CA PRO A 299 9.92 3.14 -27.03
C PRO A 299 11.14 2.73 -26.21
N GLU A 300 12.15 3.61 -26.17
CA GLU A 300 13.42 3.33 -25.51
C GLU A 300 13.27 3.40 -23.99
N ALA A 301 12.32 4.22 -23.52
CA ALA A 301 11.94 4.27 -22.11
C ALA A 301 10.91 3.18 -21.81
N ALA A 302 9.92 3.03 -22.69
CA ALA A 302 8.79 2.14 -22.51
C ALA A 302 9.23 0.69 -22.25
N LYS A 303 10.29 0.25 -22.93
CA LYS A 303 10.68 -1.16 -22.89
C LYS A 303 11.20 -1.54 -21.50
N TYR A 304 11.49 -0.52 -20.67
CA TYR A 304 12.03 -0.75 -19.33
C TYR A 304 10.97 -0.62 -18.24
N VAL A 305 9.78 -0.08 -18.58
CA VAL A 305 8.81 0.29 -17.55
C VAL A 305 7.75 -0.80 -17.43
N HIS A 306 7.67 -1.41 -16.24
CA HIS A 306 6.72 -2.48 -15.96
C HIS A 306 5.38 -1.89 -15.53
N GLY A 307 5.43 -0.79 -14.78
CA GLY A 307 4.23 -0.27 -14.14
C GLY A 307 4.34 1.22 -13.78
N ILE A 308 3.21 1.77 -13.34
CA ILE A 308 3.09 3.16 -12.93
C ILE A 308 2.65 3.13 -11.47
N ALA A 309 3.49 3.67 -10.59
CA ALA A 309 3.17 3.78 -9.19
C ALA A 309 2.49 5.13 -8.90
N VAL A 310 1.42 5.09 -8.09
CA VAL A 310 0.64 6.27 -7.77
C VAL A 310 0.53 6.45 -6.25
N HIS A 311 0.50 7.72 -5.80
CA HIS A 311 0.31 8.07 -4.40
C HIS A 311 -1.05 8.76 -4.27
N TRP A 312 -1.64 8.76 -3.07
CA TRP A 312 -3.06 9.11 -2.96
C TRP A 312 -3.34 10.58 -2.61
N TYR A 313 -2.29 11.41 -2.46
CA TYR A 313 -2.42 12.66 -1.70
C TYR A 313 -3.24 13.74 -2.42
N LEU A 314 -3.40 13.62 -3.75
CA LEU A 314 -4.19 14.61 -4.47
C LEU A 314 -5.45 13.95 -5.07
N ASP A 315 -5.83 12.77 -4.58
CA ASP A 315 -6.96 12.07 -5.15
C ASP A 315 -8.23 12.92 -5.07
N PHE A 316 -8.34 13.71 -3.98
CA PHE A 316 -9.51 14.55 -3.74
C PHE A 316 -9.70 15.61 -4.83
N LEU A 317 -8.66 15.92 -5.61
CA LEU A 317 -8.86 16.87 -6.71
C LEU A 317 -8.44 16.26 -8.05
N ALA A 318 -8.35 14.93 -8.09
CA ALA A 318 -7.98 14.23 -9.31
C ALA A 318 -8.92 13.04 -9.52
N PRO A 319 -10.06 13.22 -10.22
CA PRO A 319 -11.04 12.14 -10.41
C PRO A 319 -10.39 10.93 -11.06
N ALA A 320 -10.80 9.74 -10.63
CA ALA A 320 -10.15 8.49 -10.99
C ALA A 320 -10.32 8.20 -12.48
N LYS A 321 -11.49 8.53 -13.03
CA LYS A 321 -11.78 8.22 -14.43
C LYS A 321 -10.80 8.94 -15.35
N ALA A 322 -10.57 10.23 -15.07
CA ALA A 322 -9.76 11.11 -15.91
C ALA A 322 -8.27 10.81 -15.72
N THR A 323 -7.90 10.09 -14.66
CA THR A 323 -6.48 9.85 -14.38
C THR A 323 -6.15 8.37 -14.60
N LEU A 324 -6.59 7.53 -13.65
CA LEU A 324 -6.39 6.09 -13.72
C LEU A 324 -7.07 5.51 -14.95
N GLY A 325 -8.33 5.91 -15.18
CA GLY A 325 -9.14 5.35 -16.25
C GLY A 325 -8.52 5.63 -17.61
N GLU A 326 -8.16 6.91 -17.83
CA GLU A 326 -7.58 7.36 -19.08
C GLU A 326 -6.20 6.72 -19.28
N THR A 327 -5.43 6.60 -18.21
CA THR A 327 -4.12 5.96 -18.31
C THR A 327 -4.25 4.49 -18.71
N HIS A 328 -5.18 3.76 -18.07
CA HIS A 328 -5.43 2.37 -18.44
C HIS A 328 -5.84 2.27 -19.91
N ARG A 329 -6.70 3.19 -20.37
CA ARG A 329 -7.19 3.17 -21.74
C ARG A 329 -6.01 3.27 -22.72
N LEU A 330 -5.12 4.24 -22.50
CA LEU A 330 -4.03 4.53 -23.41
C LEU A 330 -2.95 3.45 -23.32
N PHE A 331 -2.74 2.93 -22.10
CA PHE A 331 -1.63 2.03 -21.82
C PHE A 331 -2.12 0.83 -21.03
N PRO A 332 -2.98 -0.03 -21.64
CA PRO A 332 -3.66 -1.09 -20.90
C PRO A 332 -2.74 -2.20 -20.41
N ASN A 333 -1.53 -2.28 -20.97
CA ASN A 333 -0.59 -3.37 -20.69
C ASN A 333 0.46 -2.94 -19.67
N THR A 334 0.31 -1.72 -19.12
CA THR A 334 1.23 -1.20 -18.11
C THR A 334 0.45 -1.05 -16.81
N MET A 335 0.76 -1.89 -15.82
CA MET A 335 -0.06 -1.96 -14.61
C MET A 335 0.04 -0.65 -13.84
N LEU A 336 -1.04 -0.33 -13.12
CA LEU A 336 -1.11 0.76 -12.16
C LEU A 336 -1.06 0.17 -10.76
N PHE A 337 -0.29 0.81 -9.88
CA PHE A 337 -0.01 0.28 -8.55
C PHE A 337 0.00 1.45 -7.57
N ALA A 338 -0.77 1.35 -6.48
CA ALA A 338 -0.77 2.41 -5.49
C ALA A 338 0.30 2.12 -4.43
N SER A 339 1.28 3.04 -4.32
CA SER A 339 2.51 2.74 -3.58
C SER A 339 2.68 3.54 -2.28
N GLU A 340 1.80 4.50 -1.98
CA GLU A 340 1.93 5.26 -0.73
C GLU A 340 0.62 5.99 -0.41
N ALA A 341 0.15 5.80 0.81
CA ALA A 341 -0.98 6.55 1.35
C ALA A 341 -0.79 6.67 2.85
N CYS A 342 -1.29 7.78 3.40
CA CYS A 342 -1.49 7.93 4.83
C CYS A 342 -2.39 9.14 5.07
N VAL A 343 -3.13 9.10 6.19
CA VAL A 343 -3.84 10.27 6.66
C VAL A 343 -2.92 11.04 7.60
N GLY A 344 -3.07 12.38 7.62
CA GLY A 344 -2.44 13.20 8.63
C GLY A 344 -1.44 14.18 8.03
N SER A 345 -1.12 14.01 6.73
CA SER A 345 -0.08 14.79 6.08
C SER A 345 -0.60 16.17 5.65
N LYS A 346 -1.92 16.34 5.62
CA LYS A 346 -2.54 17.56 5.12
C LYS A 346 -2.64 18.61 6.23
N PHE A 347 -2.63 19.88 5.81
CA PHE A 347 -2.68 21.05 6.67
C PHE A 347 -3.89 20.98 7.61
N TRP A 348 -5.03 20.51 7.10
CA TRP A 348 -6.29 20.49 7.86
C TRP A 348 -6.49 19.18 8.62
N GLU A 349 -5.47 18.30 8.63
CA GLU A 349 -5.59 17.02 9.31
C GLU A 349 -4.66 16.99 10.52
N GLN A 350 -5.19 16.61 11.70
CA GLN A 350 -4.30 16.32 12.81
C GLN A 350 -3.47 15.08 12.47
N SER A 351 -2.28 14.96 13.07
N SER A 351 -2.27 14.99 13.06
CA SER A 351 -1.37 13.88 12.71
CA SER A 351 -1.34 13.90 12.78
C SER A 351 -1.97 12.52 13.10
C SER A 351 -1.99 12.56 13.09
N VAL A 352 -2.35 12.36 14.37
CA VAL A 352 -2.87 11.09 14.86
C VAL A 352 -4.22 11.32 15.52
N ARG A 353 -5.20 10.47 15.18
CA ARG A 353 -6.54 10.56 15.71
C ARG A 353 -6.95 9.17 16.18
N LEU A 354 -6.56 8.79 17.40
CA LEU A 354 -6.64 7.40 17.82
C LEU A 354 -8.09 6.92 17.80
N GLY A 355 -8.35 5.89 16.99
CA GLY A 355 -9.66 5.27 16.92
C GLY A 355 -10.58 5.87 15.86
N SER A 356 -10.06 6.76 14.99
CA SER A 356 -10.87 7.42 13.98
C SER A 356 -11.50 6.42 13.01
N TRP A 357 -12.83 6.39 12.97
CA TRP A 357 -13.53 5.56 11.99
C TRP A 357 -13.42 6.21 10.62
N ASP A 358 -13.40 7.55 10.58
CA ASP A 358 -13.30 8.28 9.33
C ASP A 358 -12.04 7.86 8.56
N ARG A 359 -10.92 7.70 9.27
CA ARG A 359 -9.66 7.41 8.62
C ARG A 359 -9.68 5.97 8.10
N GLY A 360 -10.33 5.06 8.84
CA GLY A 360 -10.57 3.73 8.32
C GLY A 360 -11.33 3.78 6.99
N MET A 361 -12.47 4.47 6.97
CA MET A 361 -13.27 4.63 5.76
C MET A 361 -12.46 5.26 4.62
N GLN A 362 -11.55 6.18 4.93
CA GLN A 362 -10.72 6.78 3.87
C GLN A 362 -9.87 5.71 3.18
N TYR A 363 -9.31 4.80 3.98
CA TYR A 363 -8.52 3.69 3.47
C TYR A 363 -9.35 2.80 2.56
N SER A 364 -10.50 2.30 3.08
CA SER A 364 -11.29 1.36 2.30
C SER A 364 -11.89 2.00 1.05
N HIS A 365 -12.35 3.26 1.16
CA HIS A 365 -12.89 3.95 0.01
C HIS A 365 -11.81 4.10 -1.06
N SER A 366 -10.58 4.40 -0.64
CA SER A 366 -9.47 4.54 -1.58
C SER A 366 -9.16 3.21 -2.26
N ILE A 367 -9.09 2.14 -1.47
CA ILE A 367 -8.73 0.85 -2.04
C ILE A 367 -9.82 0.43 -3.04
N ILE A 368 -11.09 0.58 -2.66
CA ILE A 368 -12.15 0.21 -3.57
C ILE A 368 -12.07 1.02 -4.87
N THR A 369 -11.89 2.34 -4.76
CA THR A 369 -11.87 3.20 -5.94
C THR A 369 -10.70 2.80 -6.86
N ASN A 370 -9.53 2.56 -6.26
CA ASN A 370 -8.37 2.07 -6.99
C ASN A 370 -8.67 0.75 -7.71
N LEU A 371 -9.28 -0.21 -7.01
CA LEU A 371 -9.59 -1.49 -7.62
C LEU A 371 -10.57 -1.34 -8.78
N LEU A 372 -11.49 -0.37 -8.68
CA LEU A 372 -12.50 -0.17 -9.72
C LEU A 372 -11.90 0.52 -10.93
N TYR A 373 -10.67 1.04 -10.79
CA TYR A 373 -9.99 1.73 -11.87
C TYR A 373 -8.63 1.10 -12.14
N HIS A 374 -8.59 -0.24 -12.09
CA HIS A 374 -7.56 -1.06 -12.72
C HIS A 374 -6.29 -1.22 -11.88
N VAL A 375 -6.24 -0.62 -10.69
CA VAL A 375 -5.02 -0.63 -9.90
C VAL A 375 -4.85 -2.04 -9.28
N VAL A 376 -3.60 -2.56 -9.25
CA VAL A 376 -3.34 -3.96 -8.94
C VAL A 376 -2.91 -4.15 -7.49
N GLY A 377 -2.71 -3.04 -6.76
CA GLY A 377 -2.24 -3.20 -5.40
C GLY A 377 -2.30 -1.87 -4.66
N TRP A 378 -2.18 -1.93 -3.33
CA TRP A 378 -2.33 -0.72 -2.54
C TRP A 378 -1.43 -0.83 -1.31
N THR A 379 -0.58 0.19 -1.13
CA THR A 379 0.46 0.13 -0.12
C THR A 379 0.33 1.31 0.84
N ASP A 380 0.29 0.97 2.13
CA ASP A 380 0.29 1.95 3.20
C ASP A 380 1.69 2.53 3.31
N TRP A 381 1.80 3.66 4.02
CA TRP A 381 3.06 4.24 4.43
C TRP A 381 3.55 3.58 5.73
N ASN A 382 4.05 4.35 6.71
CA ASN A 382 4.70 3.77 7.89
C ASN A 382 3.88 2.64 8.51
N LEU A 383 4.50 1.48 8.76
CA LEU A 383 3.81 0.34 9.37
C LEU A 383 3.39 0.67 10.81
N ALA A 384 4.17 1.51 11.49
CA ALA A 384 3.87 1.89 12.86
C ALA A 384 4.47 3.26 13.15
N LEU A 385 3.76 4.07 13.97
CA LEU A 385 4.26 5.36 14.43
C LEU A 385 4.02 5.48 15.93
N ASN A 386 4.64 6.48 16.56
CA ASN A 386 4.36 6.76 17.96
C ASN A 386 3.11 7.63 18.05
N PRO A 387 2.60 7.98 19.26
CA PRO A 387 1.36 8.73 19.36
C PRO A 387 1.38 10.17 18.83
N GLU A 388 2.59 10.66 18.55
CA GLU A 388 2.79 11.99 17.97
C GLU A 388 2.74 11.89 16.44
N GLY A 389 2.86 10.65 15.93
CA GLY A 389 2.92 10.40 14.49
C GLY A 389 4.35 10.44 13.96
N GLY A 390 5.32 10.16 14.84
CA GLY A 390 6.73 10.20 14.49
C GLY A 390 7.46 8.90 14.84
N PRO A 391 8.82 8.91 14.95
CA PRO A 391 9.64 10.11 14.77
C PRO A 391 9.80 10.53 13.31
N ASN A 392 10.23 11.79 13.12
CA ASN A 392 10.33 12.42 11.80
C ASN A 392 11.21 13.66 11.91
N TRP A 393 12.31 13.72 11.14
CA TRP A 393 13.34 14.73 11.40
C TRP A 393 12.90 16.14 11.01
N VAL A 394 11.84 16.27 10.20
CA VAL A 394 11.24 17.58 9.93
C VAL A 394 9.90 17.73 10.64
N ARG A 395 9.56 16.77 11.51
CA ARG A 395 8.33 16.80 12.29
C ARG A 395 7.09 16.79 11.38
N ASN A 396 7.22 16.09 10.24
CA ASN A 396 6.13 15.89 9.30
C ASN A 396 5.27 14.70 9.75
N PHE A 397 4.68 14.82 10.95
CA PHE A 397 3.96 13.73 11.60
C PHE A 397 2.66 13.39 10.87
N VAL A 398 2.35 12.09 10.84
CA VAL A 398 1.16 11.57 10.19
C VAL A 398 0.59 10.41 11.02
N ASP A 399 -0.48 9.79 10.50
CA ASP A 399 -1.14 8.69 11.19
C ASP A 399 -0.65 7.35 10.63
N SER A 400 -0.90 6.27 11.37
CA SER A 400 -0.53 4.92 10.96
C SER A 400 -1.56 3.94 11.51
N PRO A 401 -1.87 2.83 10.80
CA PRO A 401 -2.79 1.83 11.33
C PRO A 401 -2.42 1.27 12.70
N ILE A 402 -1.12 1.27 13.02
CA ILE A 402 -0.68 0.86 14.34
C ILE A 402 0.11 1.99 15.01
N ILE A 403 -0.30 2.34 16.23
CA ILE A 403 0.37 3.36 17.02
C ILE A 403 0.96 2.69 18.25
N VAL A 404 2.26 2.93 18.50
N VAL A 404 2.28 2.83 18.42
CA VAL A 404 3.03 2.25 19.54
CA VAL A 404 2.96 2.26 19.57
C VAL A 404 3.23 3.17 20.74
C VAL A 404 2.84 3.23 20.74
N ASP A 405 2.89 2.66 21.94
CA ASP A 405 2.91 3.43 23.17
C ASP A 405 3.95 2.78 24.09
N ILE A 406 5.20 3.23 23.93
CA ILE A 406 6.37 2.55 24.46
C ILE A 406 6.31 2.51 25.98
N THR A 407 5.80 3.59 26.59
CA THR A 407 5.72 3.66 28.05
C THR A 407 4.87 2.51 28.59
N LYS A 408 3.86 2.07 27.82
CA LYS A 408 2.96 1.03 28.29
C LYS A 408 3.27 -0.31 27.64
N ASP A 409 4.39 -0.39 26.91
CA ASP A 409 4.72 -1.56 26.11
C ASP A 409 3.47 -2.07 25.38
N THR A 410 2.77 -1.13 24.73
CA THR A 410 1.45 -1.35 24.14
C THR A 410 1.47 -0.86 22.69
N PHE A 411 0.65 -1.48 21.84
CA PHE A 411 0.36 -0.87 20.55
C PHE A 411 -1.14 -0.93 20.32
N TYR A 412 -1.63 0.04 19.55
CA TYR A 412 -3.05 0.18 19.27
C TYR A 412 -3.31 -0.05 17.79
N LYS A 413 -4.23 -0.97 17.50
CA LYS A 413 -4.63 -1.25 16.12
C LYS A 413 -5.87 -0.43 15.82
N GLN A 414 -5.75 0.51 14.86
CA GLN A 414 -6.78 1.50 14.58
C GLN A 414 -7.75 0.98 13.52
N PRO A 415 -8.91 1.65 13.33
CA PRO A 415 -9.80 1.31 12.22
C PRO A 415 -9.10 1.11 10.88
N MET A 416 -8.12 1.97 10.55
CA MET A 416 -7.37 1.82 9.32
C MET A 416 -6.83 0.39 9.17
N PHE A 417 -6.31 -0.21 10.25
CA PHE A 417 -5.77 -1.57 10.20
C PHE A 417 -6.84 -2.54 9.69
N TYR A 418 -8.05 -2.45 10.24
CA TYR A 418 -9.12 -3.40 9.95
C TYR A 418 -9.69 -3.17 8.56
N HIS A 419 -9.84 -1.89 8.19
CA HIS A 419 -10.28 -1.53 6.85
C HIS A 419 -9.32 -2.11 5.81
N LEU A 420 -8.00 -1.96 6.02
CA LEU A 420 -7.05 -2.54 5.08
C LEU A 420 -7.18 -4.06 5.03
N GLY A 421 -7.33 -4.68 6.21
CA GLY A 421 -7.42 -6.12 6.35
C GLY A 421 -8.63 -6.72 5.64
N HIS A 422 -9.73 -5.96 5.53
CA HIS A 422 -10.90 -6.43 4.81
C HIS A 422 -10.57 -6.80 3.36
N PHE A 423 -9.46 -6.25 2.83
CA PHE A 423 -8.95 -6.56 1.51
C PHE A 423 -7.76 -7.51 1.61
N SER A 424 -6.75 -7.15 2.43
CA SER A 424 -5.49 -7.89 2.39
C SER A 424 -5.65 -9.37 2.79
N LYS A 425 -6.50 -9.63 3.78
CA LYS A 425 -6.66 -10.96 4.31
C LYS A 425 -7.30 -11.90 3.28
N PHE A 426 -8.15 -11.34 2.39
CA PHE A 426 -9.10 -12.16 1.65
C PHE A 426 -8.83 -12.12 0.14
N ILE A 427 -7.85 -11.32 -0.28
CA ILE A 427 -7.58 -11.15 -1.69
C ILE A 427 -6.11 -11.51 -1.95
N PRO A 428 -5.80 -12.81 -2.15
CA PRO A 428 -4.43 -13.23 -2.44
C PRO A 428 -3.94 -12.70 -3.79
N GLU A 429 -2.62 -12.62 -3.92
CA GLU A 429 -1.98 -12.29 -5.18
C GLU A 429 -2.53 -13.22 -6.25
N GLY A 430 -2.89 -12.64 -7.41
CA GLY A 430 -3.40 -13.40 -8.54
C GLY A 430 -4.94 -13.44 -8.58
N SER A 431 -5.60 -12.90 -7.55
CA SER A 431 -7.05 -12.67 -7.58
C SER A 431 -7.34 -11.73 -8.75
N GLN A 432 -8.55 -11.80 -9.31
CA GLN A 432 -8.86 -10.94 -10.46
C GLN A 432 -10.14 -10.16 -10.17
N ARG A 433 -10.11 -8.84 -10.43
N ARG A 433 -10.10 -8.83 -10.41
CA ARG A 433 -11.29 -8.02 -10.29
CA ARG A 433 -11.32 -8.05 -10.26
C ARG A 433 -12.31 -8.41 -11.36
C ARG A 433 -12.30 -8.46 -11.35
N VAL A 434 -13.57 -8.63 -10.97
CA VAL A 434 -14.63 -8.96 -11.91
C VAL A 434 -15.76 -7.93 -11.75
N GLY A 435 -16.72 -7.95 -12.67
CA GLY A 435 -17.78 -6.94 -12.63
C GLY A 435 -18.75 -7.16 -11.46
N LEU A 436 -19.37 -6.04 -11.05
CA LEU A 436 -20.41 -6.03 -10.03
C LEU A 436 -21.25 -4.79 -10.30
N VAL A 437 -22.53 -5.00 -10.61
N VAL A 437 -22.53 -4.99 -10.65
CA VAL A 437 -23.40 -3.92 -11.08
CA VAL A 437 -23.34 -3.85 -11.03
C VAL A 437 -24.60 -3.77 -10.14
C VAL A 437 -24.54 -3.75 -10.09
N ALA A 438 -24.93 -2.51 -9.81
CA ALA A 438 -26.03 -2.19 -8.92
C ALA A 438 -27.32 -2.01 -9.71
N SER A 439 -28.45 -2.43 -9.11
CA SER A 439 -29.76 -2.33 -9.72
C SER A 439 -30.28 -0.89 -9.67
N GLN A 440 -29.78 -0.10 -8.70
CA GLN A 440 -30.25 1.26 -8.49
C GLN A 440 -29.13 2.09 -7.88
N LYS A 441 -29.24 3.42 -8.00
CA LYS A 441 -28.33 4.36 -7.38
C LYS A 441 -28.32 4.10 -5.87
N ASN A 442 -27.14 4.23 -5.24
CA ASN A 442 -26.96 3.86 -3.84
C ASN A 442 -25.73 4.56 -3.27
N ASP A 443 -25.58 4.52 -1.94
CA ASP A 443 -24.50 5.21 -1.25
C ASP A 443 -23.36 4.25 -0.88
N LEU A 444 -23.35 3.04 -1.46
CA LEU A 444 -22.34 2.06 -1.04
C LEU A 444 -21.14 2.11 -2.00
N ASP A 445 -19.98 1.73 -1.46
CA ASP A 445 -18.82 1.41 -2.28
C ASP A 445 -18.65 -0.10 -2.24
N ALA A 446 -18.49 -0.72 -3.41
CA ALA A 446 -18.38 -2.17 -3.45
C ALA A 446 -17.44 -2.59 -4.58
N VAL A 447 -16.75 -3.72 -4.39
CA VAL A 447 -15.92 -4.26 -5.45
C VAL A 447 -15.97 -5.79 -5.34
N ALA A 448 -15.92 -6.47 -6.50
CA ALA A 448 -15.94 -7.93 -6.51
C ALA A 448 -14.64 -8.46 -7.11
N LEU A 449 -14.15 -9.56 -6.53
CA LEU A 449 -12.98 -10.22 -7.09
C LEU A 449 -13.23 -11.72 -7.16
N MET A 450 -12.54 -12.34 -8.11
CA MET A 450 -12.51 -13.79 -8.17
C MET A 450 -11.17 -14.27 -7.64
N HIS A 451 -11.23 -15.01 -6.54
CA HIS A 451 -10.09 -15.69 -5.95
C HIS A 451 -9.47 -16.61 -7.00
N PRO A 452 -8.15 -16.89 -6.94
CA PRO A 452 -7.53 -17.82 -7.89
C PRO A 452 -8.25 -19.16 -8.09
N ASP A 453 -8.94 -19.68 -7.06
CA ASP A 453 -9.60 -20.98 -7.16
C ASP A 453 -10.97 -20.87 -7.81
N GLY A 454 -11.40 -19.64 -8.16
CA GLY A 454 -12.70 -19.44 -8.78
C GLY A 454 -13.79 -18.92 -7.82
N SER A 455 -13.50 -18.89 -6.52
CA SER A 455 -14.48 -18.43 -5.54
C SER A 455 -14.62 -16.91 -5.59
N ALA A 456 -15.68 -16.40 -4.96
CA ALA A 456 -16.02 -14.99 -5.01
C ALA A 456 -15.64 -14.29 -3.70
N VAL A 457 -15.16 -13.05 -3.83
CA VAL A 457 -14.88 -12.20 -2.68
C VAL A 457 -15.48 -10.83 -3.00
N VAL A 458 -16.37 -10.33 -2.12
CA VAL A 458 -16.96 -9.02 -2.32
C VAL A 458 -16.79 -8.17 -1.08
N VAL A 459 -16.32 -6.94 -1.28
CA VAL A 459 -16.17 -5.99 -0.18
C VAL A 459 -17.21 -4.89 -0.36
N VAL A 460 -17.97 -4.63 0.70
CA VAL A 460 -18.99 -3.59 0.65
C VAL A 460 -18.73 -2.61 1.78
N LEU A 461 -18.54 -1.33 1.42
CA LEU A 461 -18.35 -0.27 2.41
C LEU A 461 -19.58 0.65 2.40
N ASN A 462 -20.09 0.96 3.60
CA ASN A 462 -21.16 1.92 3.77
C ASN A 462 -20.64 3.12 4.56
N ARG A 463 -20.42 4.24 3.86
CA ARG A 463 -19.89 5.42 4.51
C ARG A 463 -21.02 6.32 5.00
N SER A 464 -22.26 5.90 4.77
CA SER A 464 -23.44 6.64 5.20
C SER A 464 -23.89 6.14 6.57
N SER A 465 -24.78 6.91 7.22
CA SER A 465 -25.33 6.57 8.52
C SER A 465 -26.47 5.53 8.44
N LYS A 466 -26.98 5.27 7.23
CA LYS A 466 -28.20 4.49 7.07
C LYS A 466 -27.90 3.03 6.76
N ASP A 467 -28.59 2.10 7.44
CA ASP A 467 -28.54 0.69 7.12
C ASP A 467 -29.15 0.49 5.74
N VAL A 468 -28.47 -0.24 4.85
CA VAL A 468 -28.97 -0.51 3.52
C VAL A 468 -29.18 -2.01 3.37
N PRO A 469 -30.44 -2.53 3.36
CA PRO A 469 -30.67 -3.94 3.03
C PRO A 469 -30.25 -4.13 1.57
N LEU A 470 -29.65 -5.28 1.28
CA LEU A 470 -29.35 -5.58 -0.12
C LEU A 470 -29.20 -7.08 -0.33
N THR A 471 -29.21 -7.42 -1.61
CA THR A 471 -29.03 -8.78 -2.10
C THR A 471 -27.83 -8.76 -3.05
N ILE A 472 -26.99 -9.79 -2.94
CA ILE A 472 -25.95 -10.00 -3.93
C ILE A 472 -26.36 -11.21 -4.76
N LYS A 473 -26.38 -11.05 -6.09
CA LYS A 473 -26.72 -12.17 -6.96
C LYS A 473 -25.44 -12.68 -7.62
N ASP A 474 -25.22 -13.99 -7.47
CA ASP A 474 -24.23 -14.71 -8.27
C ASP A 474 -25.01 -15.59 -9.23
N PRO A 475 -25.01 -15.27 -10.54
CA PRO A 475 -25.91 -15.93 -11.48
C PRO A 475 -25.81 -17.46 -11.53
N ALA A 476 -24.63 -17.99 -11.20
CA ALA A 476 -24.40 -19.43 -11.25
C ALA A 476 -24.81 -20.11 -9.93
N VAL A 477 -24.96 -19.35 -8.85
CA VAL A 477 -24.97 -19.92 -7.52
C VAL A 477 -26.28 -19.59 -6.78
N GLY A 478 -26.65 -18.31 -6.77
CA GLY A 478 -27.85 -17.88 -6.08
C GLY A 478 -27.70 -16.48 -5.47
N PHE A 479 -28.49 -16.22 -4.42
CA PHE A 479 -28.64 -14.89 -3.86
C PHE A 479 -28.19 -14.89 -2.39
N LEU A 480 -27.47 -13.84 -2.01
CA LEU A 480 -27.12 -13.56 -0.62
C LEU A 480 -28.00 -12.41 -0.15
N GLU A 481 -28.87 -12.70 0.83
CA GLU A 481 -29.67 -11.66 1.45
C GLU A 481 -28.92 -11.12 2.64
N THR A 482 -28.67 -9.80 2.65
CA THR A 482 -27.82 -9.24 3.69
C THR A 482 -28.24 -7.79 3.97
N ILE A 483 -27.48 -7.13 4.85
CA ILE A 483 -27.62 -5.72 5.16
C ILE A 483 -26.22 -5.13 5.11
N SER A 484 -26.13 -3.88 4.69
CA SER A 484 -24.93 -3.09 4.90
C SER A 484 -25.25 -2.04 5.95
N PRO A 485 -24.93 -2.28 7.25
CA PRO A 485 -25.25 -1.31 8.29
C PRO A 485 -24.51 0.00 8.05
N GLY A 486 -25.09 1.12 8.52
CA GLY A 486 -24.40 2.39 8.42
C GLY A 486 -23.02 2.30 9.07
N TYR A 487 -22.01 2.94 8.46
CA TYR A 487 -20.66 2.97 9.00
C TYR A 487 -20.15 1.55 9.26
N SER A 488 -20.27 0.71 8.24
CA SER A 488 -19.76 -0.65 8.34
C SER A 488 -18.90 -0.94 7.11
N ILE A 489 -18.12 -2.00 7.21
CA ILE A 489 -17.48 -2.62 6.07
C ILE A 489 -17.64 -4.13 6.23
N HIS A 490 -17.96 -4.80 5.11
CA HIS A 490 -18.14 -6.24 5.08
C HIS A 490 -17.24 -6.81 4.01
N THR A 491 -16.72 -8.02 4.27
CA THR A 491 -16.17 -8.85 3.23
C THR A 491 -17.00 -10.13 3.15
N TYR A 492 -17.54 -10.41 1.97
CA TYR A 492 -18.28 -11.64 1.67
C TYR A 492 -17.38 -12.61 0.92
N LEU A 493 -17.41 -13.89 1.34
CA LEU A 493 -16.71 -14.96 0.65
C LEU A 493 -17.71 -16.05 0.32
N TRP A 494 -17.63 -16.65 -0.88
CA TRP A 494 -18.39 -17.85 -1.16
C TRP A 494 -17.82 -18.64 -2.32
N ARG A 495 -17.98 -19.98 -2.24
CA ARG A 495 -17.59 -20.88 -3.32
C ARG A 495 -18.64 -20.86 -4.43
N ARG A 496 -18.17 -21.04 -5.68
CA ARG A 496 -19.03 -20.96 -6.84
C ARG A 496 -19.27 -22.36 -7.44
N GLN A 497 -18.44 -23.34 -7.06
N GLN A 497 -18.48 -23.33 -7.00
CA GLN A 497 -18.57 -24.69 -7.57
CA GLN A 497 -18.71 -24.75 -7.26
C GLN A 497 -18.27 -25.69 -6.45
C GLN A 497 -18.32 -25.55 -6.02
#